data_5E1S
#
_entry.id   5E1S
#
_cell.length_a   56.550
_cell.length_b   70.370
_cell.length_c   87.850
_cell.angle_alpha   90.00
_cell.angle_beta   90.00
_cell.angle_gamma   90.00
#
_symmetry.space_group_name_H-M   'P 21 21 21'
#
loop_
_entity.id
_entity.type
_entity.pdbx_description
1 polymer 'Insulin receptor'
2 non-polymer (5R)-N-(1-{2-[4-(2-methoxyethyl)piperazin-1-yl]ethyl}-1H-pyrazol-3-yl)-5,8-dimethyl-9-phenyl-6,8-dihydro-5H-pyrazolo[3,4-h]quinazolin-2-amine
3 water water
#
_entity_poly.entity_id   1
_entity_poly.type   'polypeptide(L)'
_entity_poly.pdbx_seq_one_letter_code
;GSVFPSSVYVPDEWEVSREKITLLRELGQGSFGMVYEGNARDIIKGEAETRVAVKTVNESASLRERIEFLNEASVMKGFT
CHHVVRLLGVVSKGQPTLVVMELMAHGDLKSYLRSLRPEAENNPGRPPPTLQEMIQMAAEIADGMAYLNAKKFVHRNLAA
RNCMVAHDFTVKIGDFGMTRDIYETDYYRKGGKGLLPVRWMAPESLKDGVFTTSSDMWSFGVVLWEITSLAEQPYQGLSN
EQVLKFVMDGGYLDQPDNCPERVTDLMRMCWQFNPKMRPTFLEIVNLLKDDLHPSFPEVSFFHSEENK
;
_entity_poly.pdbx_strand_id   A
#
# COMPACT_ATOMS: atom_id res chain seq x y z
N VAL A 8 -10.60 -1.14 25.26
CA VAL A 8 -10.00 -0.12 26.13
C VAL A 8 -8.49 -0.04 25.84
N TYR A 9 -8.01 1.17 25.49
CA TYR A 9 -6.59 1.42 25.21
C TYR A 9 -5.86 1.98 26.42
N VAL A 10 -4.64 1.47 26.67
CA VAL A 10 -3.77 1.89 27.78
C VAL A 10 -2.52 2.57 27.17
N PRO A 11 -2.16 3.82 27.60
CA PRO A 11 -0.96 4.47 27.04
C PRO A 11 0.34 3.71 27.34
N ASP A 12 1.30 3.73 26.39
CA ASP A 12 2.56 3.01 26.51
C ASP A 12 3.83 3.83 26.16
N GLU A 13 4.94 3.14 25.81
CA GLU A 13 6.26 3.67 25.44
C GLU A 13 6.21 4.54 24.16
N TRP A 14 5.40 4.13 23.15
CA TRP A 14 5.25 4.81 21.85
C TRP A 14 4.62 6.21 21.91
N GLU A 15 3.82 6.49 22.97
CA GLU A 15 3.11 7.75 23.20
C GLU A 15 4.03 8.98 23.10
N VAL A 16 3.60 9.99 22.32
CA VAL A 16 4.31 11.26 22.11
C VAL A 16 3.46 12.41 22.68
N SER A 17 4.11 13.48 23.16
CA SER A 17 3.43 14.66 23.69
C SER A 17 2.75 15.40 22.54
N ARG A 18 1.50 15.85 22.76
CA ARG A 18 0.64 16.54 21.78
C ARG A 18 1.32 17.73 21.09
N GLU A 19 1.98 18.58 21.87
CA GLU A 19 2.63 19.80 21.39
C GLU A 19 3.94 19.58 20.59
N LYS A 20 4.43 18.31 20.50
CA LYS A 20 5.64 17.95 19.74
C LYS A 20 5.32 17.83 18.23
N ILE A 21 4.01 17.75 17.89
CA ILE A 21 3.50 17.64 16.53
C ILE A 21 2.88 18.98 16.07
N THR A 22 3.38 19.49 14.93
CA THR A 22 2.84 20.70 14.30
C THR A 22 2.25 20.28 12.95
N LEU A 23 0.96 20.57 12.72
CA LEU A 23 0.25 20.22 11.50
C LEU A 23 0.43 21.32 10.45
N LEU A 24 0.83 20.91 9.24
CA LEU A 24 1.10 21.82 8.13
C LEU A 24 -0.09 22.03 7.21
N ARG A 25 -0.67 20.93 6.70
CA ARG A 25 -1.79 20.95 5.76
C ARG A 25 -2.54 19.62 5.73
N GLU A 26 -3.75 19.63 5.19
CA GLU A 26 -4.56 18.43 5.00
C GLU A 26 -3.96 17.65 3.84
N LEU A 27 -4.00 16.33 3.91
CA LEU A 27 -3.54 15.48 2.82
C LEU A 27 -4.76 14.89 2.13
N GLY A 28 -5.66 14.33 2.92
CA GLY A 28 -6.89 13.70 2.45
C GLY A 28 -7.57 12.87 3.51
N GLN A 29 -8.85 12.58 3.29
CA GLN A 29 -9.69 11.80 4.19
C GLN A 29 -9.23 10.33 4.31
N GLY A 30 -9.20 9.85 5.56
CA GLY A 30 -8.87 8.48 5.91
C GLY A 30 -10.09 7.78 6.49
N SER A 31 -9.91 6.51 6.93
CA SER A 31 -10.98 5.69 7.51
C SER A 31 -11.62 6.28 8.77
N PHE A 32 -10.80 6.79 9.72
CA PHE A 32 -11.28 7.34 10.99
C PHE A 32 -11.49 8.86 10.98
N GLY A 33 -10.81 9.54 10.05
CA GLY A 33 -10.88 10.98 9.88
C GLY A 33 -9.80 11.52 8.97
N MET A 34 -9.63 12.84 8.97
CA MET A 34 -8.66 13.58 8.14
C MET A 34 -7.21 13.23 8.44
N VAL A 35 -6.42 13.02 7.36
CA VAL A 35 -4.98 12.76 7.48
C VAL A 35 -4.24 14.05 7.10
N TYR A 36 -3.30 14.47 7.96
CA TYR A 36 -2.54 15.70 7.78
C TYR A 36 -1.08 15.47 7.48
N GLU A 37 -0.45 16.45 6.84
CA GLU A 37 0.99 16.47 6.64
C GLU A 37 1.46 17.33 7.80
N GLY A 38 2.48 16.86 8.50
CA GLY A 38 3.03 17.58 9.63
C GLY A 38 4.52 17.44 9.78
N ASN A 39 5.03 17.96 10.90
CA ASN A 39 6.43 17.89 11.31
C ASN A 39 6.43 17.47 12.77
N ALA A 40 7.28 16.49 13.11
CA ALA A 40 7.38 15.97 14.47
C ALA A 40 8.74 16.31 15.07
N ARG A 41 8.73 16.94 16.24
CA ARG A 41 9.95 17.29 16.96
C ARG A 41 10.41 16.10 17.78
N ASP A 42 11.66 15.65 17.52
CA ASP A 42 12.36 14.56 18.20
C ASP A 42 11.54 13.28 18.38
N ILE A 43 11.07 12.72 17.25
CA ILE A 43 10.29 11.49 17.22
C ILE A 43 11.19 10.26 16.96
N ILE A 44 12.25 10.45 16.15
CA ILE A 44 13.25 9.44 15.79
C ILE A 44 14.62 9.91 16.31
N LYS A 45 15.37 8.99 16.98
CA LYS A 45 16.70 9.25 17.53
C LYS A 45 17.67 9.64 16.40
N GLY A 46 18.34 10.77 16.56
CA GLY A 46 19.28 11.29 15.57
C GLY A 46 18.67 12.29 14.60
N GLU A 47 17.32 12.32 14.52
CA GLU A 47 16.57 13.24 13.67
C GLU A 47 15.91 14.32 14.50
N ALA A 48 16.35 15.58 14.33
CA ALA A 48 15.83 16.75 15.05
C ALA A 48 14.36 16.99 14.72
N GLU A 49 14.00 16.87 13.43
CA GLU A 49 12.65 17.03 12.92
C GLU A 49 12.36 15.99 11.84
N THR A 50 11.16 15.41 11.87
CA THR A 50 10.75 14.39 10.91
C THR A 50 9.44 14.81 10.23
N ARG A 51 9.40 14.69 8.89
CA ARG A 51 8.22 14.98 8.07
C ARG A 51 7.25 13.82 8.34
N VAL A 52 6.03 14.14 8.78
CA VAL A 52 5.08 13.08 9.13
C VAL A 52 3.71 13.19 8.49
N ALA A 53 2.96 12.07 8.53
CA ALA A 53 1.56 11.99 8.13
C ALA A 53 0.83 11.74 9.46
N VAL A 54 -0.07 12.67 9.83
CA VAL A 54 -0.81 12.55 11.09
C VAL A 54 -2.26 12.15 10.85
N LYS A 55 -2.63 10.94 11.29
CA LYS A 55 -3.99 10.41 11.19
C LYS A 55 -4.78 10.93 12.37
N THR A 56 -6.02 11.37 12.13
CA THR A 56 -6.88 11.89 13.20
C THR A 56 -8.24 11.17 13.18
N VAL A 57 -9.02 11.31 14.26
CA VAL A 57 -10.38 10.79 14.35
C VAL A 57 -11.26 12.03 14.29
N ASN A 58 -12.28 12.01 13.41
CA ASN A 58 -13.18 13.16 13.30
C ASN A 58 -14.14 13.24 14.49
N GLU A 59 -14.61 14.47 14.80
CA GLU A 59 -15.49 14.82 15.91
C GLU A 59 -16.78 13.99 16.05
N SER A 60 -17.40 13.62 14.92
CA SER A 60 -18.67 12.88 14.88
C SER A 60 -18.58 11.42 15.33
N ALA A 61 -17.36 10.84 15.36
CA ALA A 61 -17.10 9.45 15.75
C ALA A 61 -17.37 9.17 17.23
N SER A 62 -17.59 7.89 17.55
CA SER A 62 -17.87 7.42 18.91
C SER A 62 -16.59 7.11 19.68
N LEU A 63 -16.69 7.01 21.03
CA LEU A 63 -15.60 6.65 21.93
C LEU A 63 -15.05 5.28 21.52
N ARG A 64 -15.95 4.31 21.20
CA ARG A 64 -15.61 2.97 20.72
C ARG A 64 -14.75 3.06 19.47
N GLU A 65 -15.12 3.95 18.51
CA GLU A 65 -14.38 4.17 17.26
C GLU A 65 -13.01 4.79 17.52
N ARG A 66 -12.91 5.66 18.55
CA ARG A 66 -11.65 6.30 18.96
C ARG A 66 -10.70 5.26 19.58
N ILE A 67 -11.26 4.33 20.38
CA ILE A 67 -10.51 3.24 21.02
C ILE A 67 -9.98 2.26 19.96
N GLU A 68 -10.82 1.95 18.93
CA GLU A 68 -10.48 1.06 17.80
C GLU A 68 -9.28 1.60 17.03
N PHE A 69 -9.25 2.93 16.80
CA PHE A 69 -8.19 3.68 16.13
C PHE A 69 -6.86 3.50 16.87
N LEU A 70 -6.89 3.55 18.21
CA LEU A 70 -5.72 3.36 19.05
C LEU A 70 -5.27 1.90 19.11
N ASN A 71 -6.22 0.96 18.90
CA ASN A 71 -5.93 -0.47 18.88
C ASN A 71 -5.21 -0.86 17.58
N GLU A 72 -5.44 -0.08 16.48
CA GLU A 72 -4.78 -0.24 15.18
C GLU A 72 -3.32 0.18 15.33
N ALA A 73 -3.09 1.26 16.11
CA ALA A 73 -1.78 1.82 16.43
C ALA A 73 -0.96 0.85 17.26
N SER A 74 -1.62 0.11 18.18
CA SER A 74 -0.99 -0.92 19.01
C SER A 74 -0.47 -2.04 18.11
N VAL A 75 -1.28 -2.45 17.10
CA VAL A 75 -0.97 -3.49 16.12
C VAL A 75 0.28 -3.09 15.30
N MET A 76 0.31 -1.84 14.81
CA MET A 76 1.39 -1.27 14.01
C MET A 76 2.74 -1.23 14.70
N LYS A 77 2.76 -1.24 16.05
CA LYS A 77 3.97 -1.23 16.88
C LYS A 77 4.94 -2.38 16.57
N GLY A 78 4.41 -3.55 16.24
CA GLY A 78 5.18 -4.74 15.90
C GLY A 78 5.56 -4.88 14.44
N PHE A 79 5.32 -3.82 13.63
CA PHE A 79 5.64 -3.83 12.20
C PHE A 79 6.92 -3.02 11.96
N THR A 80 7.97 -3.68 11.44
CA THR A 80 9.28 -3.07 11.20
C THR A 80 9.78 -3.32 9.75
N CYS A 81 8.87 -3.35 8.78
CA CYS A 81 9.25 -3.57 7.39
C CYS A 81 9.47 -2.25 6.67
N HIS A 82 10.56 -2.18 5.89
CA HIS A 82 10.92 -1.03 5.07
C HIS A 82 9.90 -0.83 3.93
N HIS A 83 9.16 -1.88 3.56
CA HIS A 83 8.19 -1.80 2.48
C HIS A 83 6.73 -1.72 2.92
N VAL A 84 6.52 -1.35 4.19
CA VAL A 84 5.21 -1.09 4.79
C VAL A 84 5.33 0.26 5.50
N VAL A 85 4.41 1.22 5.24
CA VAL A 85 4.41 2.54 5.88
C VAL A 85 4.37 2.33 7.41
N ARG A 86 5.38 2.88 8.10
CA ARG A 86 5.59 2.69 9.53
C ARG A 86 4.94 3.70 10.49
N LEU A 87 4.55 3.20 11.67
CA LEU A 87 4.02 4.01 12.75
C LEU A 87 5.25 4.62 13.46
N LEU A 88 5.17 5.91 13.82
CA LEU A 88 6.27 6.60 14.50
C LEU A 88 5.95 6.97 15.95
N GLY A 89 4.67 7.21 16.23
CA GLY A 89 4.18 7.58 17.56
C GLY A 89 2.67 7.74 17.63
N VAL A 90 2.14 7.86 18.86
CA VAL A 90 0.70 8.01 19.14
C VAL A 90 0.38 9.11 20.18
N VAL A 91 -0.85 9.66 20.11
CA VAL A 91 -1.38 10.66 21.04
C VAL A 91 -2.81 10.22 21.43
N SER A 92 -2.95 9.65 22.64
CA SER A 92 -4.21 9.14 23.18
C SER A 92 -4.82 10.09 24.22
N LYS A 93 -3.96 10.83 24.95
CA LYS A 93 -4.38 11.77 26.00
C LYS A 93 -5.04 13.02 25.42
N GLY A 94 -6.34 13.15 25.69
CA GLY A 94 -7.14 14.31 25.26
C GLY A 94 -7.87 14.16 23.95
N GLN A 95 -8.22 15.31 23.34
CA GLN A 95 -8.94 15.40 22.07
C GLN A 95 -8.27 16.39 21.09
N PRO A 96 -8.10 16.04 19.79
CA PRO A 96 -8.49 14.78 19.13
C PRO A 96 -7.46 13.67 19.26
N THR A 97 -7.84 12.44 18.92
CA THR A 97 -6.96 11.28 18.96
C THR A 97 -6.04 11.33 17.71
N LEU A 98 -4.71 11.15 17.90
CA LEU A 98 -3.72 11.20 16.81
C LEU A 98 -2.85 9.96 16.68
N VAL A 99 -2.51 9.59 15.42
CA VAL A 99 -1.61 8.49 15.05
C VAL A 99 -0.60 9.06 14.04
N VAL A 100 0.68 9.08 14.43
CA VAL A 100 1.80 9.64 13.65
C VAL A 100 2.50 8.55 12.84
N MET A 101 2.44 8.68 11.50
CA MET A 101 3.02 7.75 10.53
C MET A 101 4.18 8.41 9.78
N GLU A 102 5.00 7.61 9.07
CA GLU A 102 6.06 8.18 8.23
C GLU A 102 5.41 8.83 7.02
N LEU A 103 5.94 9.96 6.58
CA LEU A 103 5.37 10.63 5.43
C LEU A 103 5.89 10.00 4.15
N MET A 104 4.98 9.82 3.19
CA MET A 104 5.29 9.31 1.86
C MET A 104 5.12 10.53 0.94
N ALA A 105 6.23 11.27 0.75
CA ALA A 105 6.30 12.54 0.00
C ALA A 105 5.60 12.64 -1.35
N HIS A 106 5.55 11.55 -2.14
N HIS A 106 5.55 11.55 -2.14
CA HIS A 106 4.89 11.56 -3.45
CA HIS A 106 4.89 11.56 -3.45
C HIS A 106 3.45 11.03 -3.43
C HIS A 106 3.45 11.02 -3.44
N GLY A 107 2.92 10.77 -2.24
CA GLY A 107 1.55 10.29 -2.04
C GLY A 107 1.25 8.89 -2.53
N ASP A 108 -0.03 8.63 -2.85
CA ASP A 108 -0.49 7.33 -3.34
C ASP A 108 0.04 7.01 -4.73
N LEU A 109 0.26 5.71 -5.02
CA LEU A 109 0.80 5.25 -6.30
C LEU A 109 -0.11 5.58 -7.49
N LYS A 110 -1.46 5.49 -7.33
CA LYS A 110 -2.41 5.81 -8.41
C LYS A 110 -2.21 7.25 -8.91
N SER A 111 -2.33 8.25 -8.00
CA SER A 111 -2.14 9.68 -8.29
C SER A 111 -0.76 9.94 -8.91
N TYR A 112 0.30 9.28 -8.39
CA TYR A 112 1.67 9.42 -8.91
C TYR A 112 1.80 8.92 -10.35
N LEU A 113 1.18 7.75 -10.68
CA LEU A 113 1.22 7.18 -12.02
C LEU A 113 0.47 8.06 -13.04
N ARG A 114 -0.67 8.67 -12.61
CA ARG A 114 -1.48 9.57 -13.44
C ARG A 114 -0.73 10.85 -13.81
N SER A 115 0.14 11.34 -12.90
CA SER A 115 0.93 12.55 -13.11
C SER A 115 2.06 12.34 -14.15
N LEU A 116 2.45 11.07 -14.42
CA LEU A 116 3.49 10.71 -15.38
C LEU A 116 2.95 10.50 -16.80
N ARG A 117 1.63 10.67 -16.98
CA ARG A 117 0.95 10.56 -18.27
C ARG A 117 1.30 11.80 -19.10
N PRO A 118 1.37 11.70 -20.47
CA PRO A 118 1.73 12.89 -21.27
C PRO A 118 0.76 14.07 -21.16
N GLU A 119 -0.56 13.77 -21.14
CA GLU A 119 -1.65 14.76 -21.05
C GLU A 119 -1.78 15.45 -19.69
N ALA A 120 -1.23 14.83 -18.61
CA ALA A 120 -1.28 15.34 -17.23
C ALA A 120 -0.81 16.80 -17.09
N GLU A 121 -1.68 17.63 -16.46
CA GLU A 121 -1.45 19.04 -16.19
C GLU A 121 -0.33 19.23 -15.15
N ASN A 122 -0.20 18.25 -14.23
CA ASN A 122 0.78 18.25 -13.15
C ASN A 122 1.99 17.34 -13.45
N ASN A 123 2.42 17.27 -14.74
CA ASN A 123 3.58 16.46 -15.11
C ASN A 123 4.87 17.06 -14.52
N PRO A 124 5.61 16.29 -13.69
CA PRO A 124 6.84 16.85 -13.06
C PRO A 124 8.08 16.94 -13.96
N GLY A 125 7.90 16.74 -15.26
CA GLY A 125 8.98 16.77 -16.24
C GLY A 125 9.86 15.54 -16.19
N ARG A 126 9.27 14.41 -15.78
CA ARG A 126 9.94 13.11 -15.65
C ARG A 126 9.32 12.11 -16.65
N PRO A 127 10.07 11.10 -17.14
CA PRO A 127 9.44 10.12 -18.05
C PRO A 127 8.58 9.09 -17.28
N PRO A 128 7.68 8.31 -17.95
CA PRO A 128 6.91 7.29 -17.19
C PRO A 128 7.83 6.17 -16.65
N PRO A 129 7.38 5.27 -15.72
CA PRO A 129 8.32 4.27 -15.20
C PRO A 129 9.02 3.42 -16.24
N THR A 130 10.34 3.23 -16.06
CA THR A 130 11.19 2.40 -16.92
C THR A 130 10.89 0.95 -16.53
N LEU A 131 11.32 -0.04 -17.35
CA LEU A 131 11.12 -1.45 -17.02
C LEU A 131 11.80 -1.77 -15.67
N GLN A 132 13.04 -1.24 -15.46
CA GLN A 132 13.84 -1.37 -14.24
C GLN A 132 13.02 -0.85 -13.02
N GLU A 133 12.42 0.35 -13.15
CA GLU A 133 11.60 0.99 -12.10
C GLU A 133 10.31 0.21 -11.82
N MET A 134 9.69 -0.36 -12.88
CA MET A 134 8.48 -1.18 -12.77
C MET A 134 8.77 -2.45 -11.97
N ILE A 135 9.89 -3.14 -12.28
CA ILE A 135 10.36 -4.35 -11.60
C ILE A 135 10.72 -4.02 -10.15
N GLN A 136 11.38 -2.86 -9.90
CA GLN A 136 11.75 -2.40 -8.55
C GLN A 136 10.46 -2.21 -7.70
N MET A 137 9.45 -1.50 -8.25
CA MET A 137 8.15 -1.26 -7.61
C MET A 137 7.46 -2.56 -7.27
N ALA A 138 7.39 -3.49 -8.27
CA ALA A 138 6.79 -4.81 -8.16
C ALA A 138 7.37 -5.61 -6.99
N ALA A 139 8.70 -5.64 -6.87
CA ALA A 139 9.40 -6.35 -5.80
C ALA A 139 9.17 -5.72 -4.43
N GLU A 140 9.13 -4.38 -4.36
CA GLU A 140 8.89 -3.60 -3.14
C GLU A 140 7.48 -3.83 -2.61
N ILE A 141 6.47 -3.83 -3.52
CA ILE A 141 5.07 -4.08 -3.15
C ILE A 141 4.92 -5.53 -2.67
N ALA A 142 5.52 -6.49 -3.41
CA ALA A 142 5.50 -7.91 -3.09
C ALA A 142 6.21 -8.22 -1.77
N ASP A 143 7.33 -7.52 -1.46
CA ASP A 143 8.09 -7.69 -0.20
C ASP A 143 7.27 -7.25 1.01
N GLY A 144 6.60 -6.10 0.89
CA GLY A 144 5.71 -5.56 1.93
C GLY A 144 4.52 -6.47 2.15
N MET A 145 3.96 -7.01 1.04
CA MET A 145 2.86 -7.98 1.08
C MET A 145 3.31 -9.33 1.68
N ALA A 146 4.57 -9.77 1.39
CA ALA A 146 5.15 -11.00 1.97
C ALA A 146 5.31 -10.82 3.48
N TYR A 147 5.69 -9.59 3.93
CA TYR A 147 5.84 -9.27 5.35
C TYR A 147 4.47 -9.31 6.06
N LEU A 148 3.43 -8.71 5.44
CA LEU A 148 2.05 -8.72 5.97
C LEU A 148 1.55 -10.15 6.14
N ASN A 149 1.80 -11.01 5.12
CA ASN A 149 1.41 -12.42 5.12
C ASN A 149 2.13 -13.20 6.23
N ALA A 150 3.44 -12.94 6.44
CA ALA A 150 4.23 -13.55 7.52
C ALA A 150 3.70 -13.08 8.88
N LYS A 151 3.11 -11.87 8.93
CA LYS A 151 2.51 -11.32 10.15
C LYS A 151 1.09 -11.87 10.38
N LYS A 152 0.60 -12.72 9.45
CA LYS A 152 -0.71 -13.39 9.45
C LYS A 152 -1.87 -12.45 9.12
N PHE A 153 -1.59 -11.41 8.32
CA PHE A 153 -2.57 -10.43 7.88
C PHE A 153 -2.89 -10.60 6.41
N VAL A 154 -4.18 -10.46 6.07
CA VAL A 154 -4.66 -10.47 4.70
C VAL A 154 -5.00 -9.00 4.45
N HIS A 155 -4.49 -8.41 3.35
CA HIS A 155 -4.70 -7.01 3.01
C HIS A 155 -6.17 -6.73 2.68
N ARG A 156 -6.76 -7.52 1.74
CA ARG A 156 -8.17 -7.44 1.28
C ARG A 156 -8.52 -6.20 0.43
N ASN A 157 -7.60 -5.23 0.31
CA ASN A 157 -7.85 -3.99 -0.42
C ASN A 157 -6.65 -3.48 -1.22
N LEU A 158 -5.77 -4.36 -1.69
CA LEU A 158 -4.59 -3.95 -2.45
C LEU A 158 -4.99 -3.37 -3.81
N ALA A 159 -4.49 -2.15 -4.08
CA ALA A 159 -4.73 -1.32 -5.29
C ALA A 159 -3.69 -0.19 -5.28
N ALA A 160 -3.46 0.46 -6.43
CA ALA A 160 -2.47 1.56 -6.55
C ALA A 160 -2.80 2.73 -5.62
N ARG A 161 -4.09 3.03 -5.43
CA ARG A 161 -4.58 4.10 -4.55
C ARG A 161 -4.18 3.86 -3.08
N ASN A 162 -3.81 2.61 -2.73
CA ASN A 162 -3.43 2.17 -1.38
C ASN A 162 -1.94 1.98 -1.18
N CYS A 163 -1.17 1.98 -2.27
CA CYS A 163 0.28 1.90 -2.25
C CYS A 163 0.78 3.33 -2.21
N MET A 164 1.91 3.57 -1.56
CA MET A 164 2.47 4.89 -1.36
C MET A 164 3.87 5.06 -1.93
N VAL A 165 4.19 6.28 -2.32
CA VAL A 165 5.50 6.61 -2.92
C VAL A 165 6.27 7.53 -1.97
N ALA A 166 7.49 7.11 -1.58
CA ALA A 166 8.37 7.86 -0.68
C ALA A 166 9.14 8.96 -1.44
N HIS A 167 9.96 9.76 -0.72
CA HIS A 167 10.77 10.86 -1.29
C HIS A 167 11.79 10.36 -2.32
N ASP A 168 12.34 9.14 -2.10
CA ASP A 168 13.34 8.50 -2.97
C ASP A 168 12.67 7.50 -3.93
N PHE A 169 11.34 7.62 -4.11
CA PHE A 169 10.50 6.80 -4.99
C PHE A 169 10.31 5.32 -4.60
N THR A 170 10.60 4.99 -3.31
CA THR A 170 10.37 3.66 -2.75
C THR A 170 8.83 3.49 -2.58
N VAL A 171 8.29 2.36 -3.08
CA VAL A 171 6.87 2.07 -2.94
C VAL A 171 6.62 1.19 -1.71
N LYS A 172 5.60 1.56 -0.92
CA LYS A 172 5.26 0.84 0.31
C LYS A 172 3.79 0.60 0.43
N ILE A 173 3.41 -0.43 1.20
CA ILE A 173 2.02 -0.73 1.50
C ILE A 173 1.55 0.33 2.51
N GLY A 174 0.44 0.99 2.19
CA GLY A 174 -0.19 2.00 3.05
C GLY A 174 -1.06 1.34 4.10
N ASP A 175 -2.33 1.77 4.19
CA ASP A 175 -3.31 1.23 5.16
C ASP A 175 -3.92 -0.05 4.61
N PHE A 176 -4.24 -1.01 5.51
CA PHE A 176 -4.78 -2.33 5.14
C PHE A 176 -5.79 -2.89 6.16
N GLY A 177 -6.41 -4.02 5.80
CA GLY A 177 -7.38 -4.73 6.63
C GLY A 177 -6.75 -5.33 7.86
N MET A 178 -6.86 -4.61 9.00
CA MET A 178 -6.31 -4.99 10.31
C MET A 178 -7.17 -6.09 10.95
N LEU A 196 -18.13 -2.53 -2.87
CA LEU A 196 -16.97 -3.42 -2.92
C LEU A 196 -16.01 -3.05 -4.07
N PRO A 197 -14.67 -3.17 -3.88
CA PRO A 197 -13.74 -2.84 -4.98
C PRO A 197 -13.65 -3.98 -6.01
N VAL A 198 -14.77 -4.24 -6.72
CA VAL A 198 -14.96 -5.32 -7.69
C VAL A 198 -13.88 -5.49 -8.77
N ARG A 199 -13.32 -4.39 -9.28
CA ARG A 199 -12.31 -4.38 -10.34
C ARG A 199 -10.92 -4.90 -9.95
N TRP A 200 -10.66 -5.10 -8.64
CA TRP A 200 -9.39 -5.59 -8.07
C TRP A 200 -9.59 -6.95 -7.39
N MET A 201 -10.84 -7.41 -7.26
CA MET A 201 -11.19 -8.63 -6.55
C MET A 201 -11.06 -9.93 -7.32
N ALA A 202 -10.52 -10.96 -6.64
CA ALA A 202 -10.31 -12.30 -7.18
C ALA A 202 -11.66 -13.00 -7.40
N PRO A 203 -11.78 -13.89 -8.42
CA PRO A 203 -13.07 -14.58 -8.66
C PRO A 203 -13.71 -15.27 -7.45
N GLU A 204 -12.90 -15.89 -6.57
CA GLU A 204 -13.38 -16.57 -5.35
C GLU A 204 -13.92 -15.59 -4.30
N SER A 205 -13.40 -14.36 -4.29
CA SER A 205 -13.84 -13.28 -3.39
C SER A 205 -15.17 -12.71 -3.89
N LEU A 206 -15.32 -12.55 -5.22
CA LEU A 206 -16.53 -12.04 -5.86
C LEU A 206 -17.68 -13.04 -5.71
N LYS A 207 -17.34 -14.33 -5.71
CA LYS A 207 -18.28 -15.44 -5.61
C LYS A 207 -18.62 -15.81 -4.16
N ASP A 208 -17.63 -16.27 -3.39
CA ASP A 208 -17.80 -16.79 -2.02
C ASP A 208 -17.43 -15.85 -0.86
N GLY A 209 -16.86 -14.68 -1.17
CA GLY A 209 -16.42 -13.73 -0.16
C GLY A 209 -15.16 -14.17 0.56
N VAL A 210 -14.42 -15.11 -0.06
CA VAL A 210 -13.19 -15.70 0.47
C VAL A 210 -12.01 -14.77 0.16
N PHE A 211 -11.37 -14.23 1.22
CA PHE A 211 -10.21 -13.36 1.16
C PHE A 211 -9.02 -14.04 1.81
N THR A 212 -7.94 -14.26 1.04
CA THR A 212 -6.71 -14.91 1.47
C THR A 212 -5.50 -14.17 0.86
N THR A 213 -4.28 -14.66 1.15
CA THR A 213 -3.05 -14.13 0.57
C THR A 213 -3.04 -14.35 -0.96
N SER A 214 -3.72 -15.42 -1.42
CA SER A 214 -3.87 -15.79 -2.84
C SER A 214 -4.81 -14.82 -3.55
N SER A 215 -5.85 -14.30 -2.84
CA SER A 215 -6.74 -13.30 -3.44
C SER A 215 -6.01 -11.95 -3.48
N ASP A 216 -5.09 -11.71 -2.53
CA ASP A 216 -4.21 -10.54 -2.46
C ASP A 216 -3.26 -10.57 -3.65
N MET A 217 -2.81 -11.78 -4.06
CA MET A 217 -1.94 -11.99 -5.24
C MET A 217 -2.69 -11.54 -6.51
N TRP A 218 -3.99 -11.87 -6.62
CA TRP A 218 -4.80 -11.43 -7.76
C TRP A 218 -4.80 -9.90 -7.85
N SER A 219 -5.05 -9.20 -6.72
CA SER A 219 -5.07 -7.73 -6.60
C SER A 219 -3.71 -7.13 -6.94
N PHE A 220 -2.61 -7.84 -6.59
CA PHE A 220 -1.23 -7.46 -6.92
C PHE A 220 -1.04 -7.41 -8.43
N GLY A 221 -1.63 -8.38 -9.13
CA GLY A 221 -1.64 -8.46 -10.58
C GLY A 221 -2.33 -7.25 -11.18
N VAL A 222 -3.46 -6.81 -10.56
CA VAL A 222 -4.19 -5.60 -10.99
C VAL A 222 -3.31 -4.34 -10.73
N VAL A 223 -2.56 -4.29 -9.59
CA VAL A 223 -1.64 -3.20 -9.27
C VAL A 223 -0.56 -3.11 -10.36
N LEU A 224 0.00 -4.27 -10.81
CA LEU A 224 0.98 -4.35 -11.90
C LEU A 224 0.38 -3.79 -13.18
N TRP A 225 -0.90 -4.13 -13.45
CA TRP A 225 -1.64 -3.64 -14.62
C TRP A 225 -1.78 -2.11 -14.54
N GLU A 226 -2.02 -1.56 -13.33
CA GLU A 226 -2.14 -0.11 -13.09
C GLU A 226 -0.80 0.58 -13.34
N ILE A 227 0.33 -0.06 -12.96
CA ILE A 227 1.69 0.48 -13.19
C ILE A 227 1.95 0.64 -14.70
N THR A 228 1.70 -0.43 -15.47
CA THR A 228 1.89 -0.52 -16.92
C THR A 228 0.89 0.27 -17.77
N SER A 229 -0.29 0.61 -17.21
CA SER A 229 -1.31 1.38 -17.93
C SER A 229 -1.34 2.84 -17.45
N LEU A 230 -0.45 3.17 -16.49
CA LEU A 230 -0.33 4.49 -15.85
C LEU A 230 -1.64 4.88 -15.17
N ALA A 231 -2.12 3.97 -14.31
CA ALA A 231 -3.35 4.07 -13.51
C ALA A 231 -4.65 4.33 -14.29
N GLU A 232 -4.86 3.56 -15.38
CA GLU A 232 -6.09 3.55 -16.15
C GLU A 232 -7.12 2.80 -15.29
N GLN A 233 -8.43 3.01 -15.53
CA GLN A 233 -9.44 2.30 -14.78
C GLN A 233 -9.52 0.86 -15.29
N PRO A 234 -9.35 -0.19 -14.42
CA PRO A 234 -9.46 -1.57 -14.90
C PRO A 234 -10.87 -1.85 -15.42
N TYR A 235 -10.96 -2.58 -16.55
CA TYR A 235 -12.19 -2.97 -17.24
C TYR A 235 -13.04 -1.73 -17.61
N GLN A 236 -12.38 -0.68 -18.14
CA GLN A 236 -13.04 0.56 -18.56
C GLN A 236 -14.00 0.23 -19.71
N GLY A 237 -15.24 0.72 -19.59
CA GLY A 237 -16.28 0.46 -20.57
C GLY A 237 -17.27 -0.57 -20.05
N LEU A 238 -16.80 -1.43 -19.13
CA LEU A 238 -17.58 -2.47 -18.47
C LEU A 238 -18.07 -1.92 -17.13
N SER A 239 -19.36 -2.15 -16.82
CA SER A 239 -19.97 -1.72 -15.56
C SER A 239 -19.55 -2.68 -14.43
N ASN A 240 -19.83 -2.32 -13.16
CA ASN A 240 -19.54 -3.15 -11.99
C ASN A 240 -20.25 -4.51 -12.00
N GLU A 241 -21.41 -4.57 -12.67
CA GLU A 241 -22.21 -5.78 -12.86
C GLU A 241 -21.53 -6.67 -13.91
N GLN A 242 -21.03 -6.06 -15.01
CA GLN A 242 -20.34 -6.76 -16.10
C GLN A 242 -18.96 -7.28 -15.68
N VAL A 243 -18.26 -6.55 -14.77
CA VAL A 243 -16.94 -6.93 -14.23
C VAL A 243 -17.11 -8.21 -13.40
N LEU A 244 -18.11 -8.22 -12.50
CA LEU A 244 -18.46 -9.35 -11.62
C LEU A 244 -18.71 -10.63 -12.43
N LYS A 245 -19.54 -10.54 -13.50
CA LYS A 245 -19.85 -11.68 -14.35
C LYS A 245 -18.62 -12.13 -15.16
N PHE A 246 -17.91 -11.19 -15.80
CA PHE A 246 -16.72 -11.46 -16.62
C PHE A 246 -15.60 -12.13 -15.84
N VAL A 247 -15.25 -11.62 -14.65
CA VAL A 247 -14.18 -12.17 -13.80
C VAL A 247 -14.52 -13.58 -13.26
N MET A 248 -15.75 -13.78 -12.77
CA MET A 248 -16.21 -15.09 -12.27
C MET A 248 -16.27 -16.15 -13.39
N ASP A 249 -16.45 -15.72 -14.66
CA ASP A 249 -16.49 -16.59 -15.83
C ASP A 249 -15.09 -16.96 -16.35
N GLY A 250 -14.06 -16.45 -15.68
CA GLY A 250 -12.66 -16.72 -16.01
C GLY A 250 -11.94 -15.61 -16.73
N GLY A 251 -12.65 -14.51 -16.98
CA GLY A 251 -12.10 -13.34 -17.65
C GLY A 251 -11.13 -12.58 -16.78
N TYR A 252 -10.15 -11.94 -17.42
CA TYR A 252 -9.11 -11.13 -16.78
C TYR A 252 -8.74 -9.96 -17.68
N LEU A 253 -7.96 -9.00 -17.16
CA LEU A 253 -7.53 -7.80 -17.89
C LEU A 253 -6.61 -8.09 -19.07
N ASP A 254 -6.82 -7.35 -20.17
CA ASP A 254 -5.98 -7.40 -21.35
C ASP A 254 -4.74 -6.58 -21.01
N GLN A 255 -3.58 -6.96 -21.56
CA GLN A 255 -2.31 -6.27 -21.29
C GLN A 255 -2.32 -4.87 -21.92
N PRO A 256 -1.80 -3.83 -21.23
CA PRO A 256 -1.81 -2.48 -21.81
C PRO A 256 -0.83 -2.34 -22.99
N ASP A 257 -1.01 -1.28 -23.81
CA ASP A 257 -0.16 -1.02 -24.98
C ASP A 257 1.31 -0.91 -24.57
N ASN A 258 2.18 -1.66 -25.27
CA ASN A 258 3.64 -1.73 -25.07
C ASN A 258 4.07 -2.18 -23.65
N CYS A 259 3.30 -3.09 -23.06
CA CYS A 259 3.60 -3.67 -21.74
C CYS A 259 4.80 -4.61 -21.88
N PRO A 260 5.86 -4.45 -21.04
CA PRO A 260 7.01 -5.36 -21.15
C PRO A 260 6.57 -6.78 -20.82
N GLU A 261 7.04 -7.77 -21.62
CA GLU A 261 6.67 -9.19 -21.48
C GLU A 261 6.91 -9.76 -20.09
N ARG A 262 7.96 -9.30 -19.38
CA ARG A 262 8.31 -9.73 -18.03
C ARG A 262 7.20 -9.40 -17.04
N VAL A 263 6.59 -8.20 -17.16
CA VAL A 263 5.49 -7.76 -16.29
C VAL A 263 4.18 -8.50 -16.65
N THR A 264 3.98 -8.79 -17.96
CA THR A 264 2.83 -9.53 -18.50
C THR A 264 2.83 -10.94 -17.91
N ASP A 265 4.01 -11.58 -17.85
CA ASP A 265 4.21 -12.93 -17.29
C ASP A 265 3.85 -12.97 -15.80
N LEU A 266 4.20 -11.90 -15.06
CA LEU A 266 3.86 -11.76 -13.63
C LEU A 266 2.34 -11.69 -13.47
N MET A 267 1.66 -10.86 -14.30
CA MET A 267 0.20 -10.67 -14.30
C MET A 267 -0.55 -11.96 -14.53
N ARG A 268 -0.11 -12.78 -15.51
CA ARG A 268 -0.72 -14.06 -15.87
C ARG A 268 -0.66 -15.07 -14.71
N MET A 269 0.48 -15.10 -13.97
CA MET A 269 0.67 -15.96 -12.81
C MET A 269 -0.35 -15.58 -11.73
N CYS A 270 -0.55 -14.25 -11.52
CA CYS A 270 -1.47 -13.66 -10.54
C CYS A 270 -2.91 -13.96 -10.88
N TRP A 271 -3.22 -14.06 -12.18
CA TRP A 271 -4.58 -14.24 -12.68
C TRP A 271 -5.07 -15.67 -12.96
N GLN A 272 -4.42 -16.67 -12.33
CA GLN A 272 -4.84 -18.07 -12.43
C GLN A 272 -6.19 -18.17 -11.70
N PHE A 273 -7.18 -18.85 -12.32
CA PHE A 273 -8.53 -18.98 -11.75
C PHE A 273 -8.52 -19.67 -10.38
N ASN A 274 -7.74 -20.78 -10.27
CA ASN A 274 -7.57 -21.56 -9.05
C ASN A 274 -6.58 -20.79 -8.15
N PRO A 275 -7.01 -20.28 -6.96
CA PRO A 275 -6.07 -19.55 -6.09
C PRO A 275 -4.80 -20.30 -5.69
N LYS A 276 -4.87 -21.65 -5.67
CA LYS A 276 -3.77 -22.56 -5.33
C LYS A 276 -2.64 -22.53 -6.37
N MET A 277 -2.95 -22.14 -7.63
CA MET A 277 -1.99 -22.07 -8.74
C MET A 277 -1.23 -20.74 -8.80
N ARG A 278 -1.69 -19.73 -8.06
CA ARG A 278 -1.07 -18.41 -8.00
C ARG A 278 0.21 -18.44 -7.16
N PRO A 279 1.26 -17.64 -7.54
CA PRO A 279 2.50 -17.64 -6.74
C PRO A 279 2.30 -16.99 -5.38
N THR A 280 3.28 -17.14 -4.48
CA THR A 280 3.21 -16.48 -3.18
C THR A 280 3.97 -15.16 -3.33
N PHE A 281 3.80 -14.22 -2.39
CA PHE A 281 4.52 -12.96 -2.46
C PHE A 281 6.04 -13.12 -2.39
N LEU A 282 6.53 -14.09 -1.59
CA LEU A 282 7.96 -14.41 -1.48
C LEU A 282 8.51 -14.95 -2.81
N GLU A 283 7.69 -15.77 -3.53
CA GLU A 283 8.03 -16.31 -4.85
C GLU A 283 8.16 -15.20 -5.89
N ILE A 284 7.35 -14.13 -5.78
CA ILE A 284 7.44 -12.96 -6.68
C ILE A 284 8.78 -12.26 -6.48
N VAL A 285 9.17 -11.98 -5.22
CA VAL A 285 10.45 -11.33 -4.86
C VAL A 285 11.64 -12.19 -5.34
N ASN A 286 11.51 -13.52 -5.19
CA ASN A 286 12.53 -14.48 -5.63
C ASN A 286 12.70 -14.46 -7.15
N LEU A 287 11.61 -14.21 -7.91
CA LEU A 287 11.66 -14.14 -9.38
C LEU A 287 12.33 -12.85 -9.84
N LEU A 288 12.32 -11.80 -9.00
CA LEU A 288 12.83 -10.48 -9.34
C LEU A 288 14.13 -10.04 -8.66
N LYS A 289 14.57 -10.76 -7.61
CA LYS A 289 15.76 -10.46 -6.78
C LYS A 289 17.06 -10.03 -7.47
N ASP A 290 17.39 -10.64 -8.62
CA ASP A 290 18.64 -10.36 -9.35
C ASP A 290 18.66 -9.05 -10.15
N ASP A 291 17.49 -8.45 -10.43
CA ASP A 291 17.36 -7.22 -11.23
C ASP A 291 16.88 -6.02 -10.39
N LEU A 292 17.40 -5.89 -9.16
CA LEU A 292 17.00 -4.82 -8.24
C LEU A 292 18.15 -3.92 -7.79
N HIS A 293 17.79 -2.74 -7.23
CA HIS A 293 18.73 -1.75 -6.71
C HIS A 293 19.68 -2.41 -5.67
N PRO A 294 20.99 -2.05 -5.61
CA PRO A 294 21.90 -2.70 -4.65
C PRO A 294 21.49 -2.64 -3.17
N SER A 295 20.66 -1.65 -2.78
CA SER A 295 20.18 -1.51 -1.40
C SER A 295 19.10 -2.52 -1.01
N PHE A 296 18.37 -3.13 -1.98
CA PHE A 296 17.28 -4.08 -1.72
C PHE A 296 17.60 -5.16 -0.67
N PRO A 297 18.73 -5.93 -0.73
CA PRO A 297 19.00 -6.92 0.33
C PRO A 297 19.27 -6.34 1.72
N GLU A 298 19.63 -5.05 1.81
CA GLU A 298 19.92 -4.36 3.07
C GLU A 298 18.63 -3.91 3.78
N VAL A 299 17.53 -3.72 3.02
CA VAL A 299 16.26 -3.22 3.56
C VAL A 299 15.07 -4.18 3.46
N SER A 300 15.18 -5.25 2.66
CA SER A 300 14.05 -6.16 2.43
C SER A 300 13.75 -7.15 3.52
N PHE A 301 12.48 -7.57 3.58
CA PHE A 301 12.05 -8.64 4.48
C PHE A 301 12.60 -9.94 3.89
N PHE A 302 12.54 -10.09 2.54
CA PHE A 302 13.00 -11.28 1.82
C PHE A 302 14.44 -11.70 2.17
N HIS A 303 15.36 -10.73 2.28
CA HIS A 303 16.77 -10.98 2.61
C HIS A 303 17.07 -10.86 4.13
N SER A 304 16.08 -10.47 4.95
CA SER A 304 16.24 -10.33 6.40
C SER A 304 16.33 -11.69 7.10
N GLU A 305 16.73 -11.66 8.39
CA GLU A 305 16.82 -12.84 9.25
C GLU A 305 15.42 -13.32 9.66
N GLU A 306 14.39 -12.48 9.44
CA GLU A 306 12.98 -12.76 9.75
C GLU A 306 12.34 -13.65 8.68
N ASN A 307 12.97 -13.77 7.49
CA ASN A 307 12.44 -14.60 6.41
C ASN A 307 13.01 -16.01 6.54
N LYS A 308 12.30 -16.85 7.31
CA LYS A 308 12.70 -18.23 7.62
C LYS A 308 11.58 -19.24 7.39
#